data_8SDU
#
_entry.id   8SDU
#
loop_
_entity.id
_entity.type
_entity.pdbx_description
1 polymer 'Solute carrier family 22 member 6'
2 water water
#
_entity_poly.entity_id   1
_entity_poly.type   'polypeptide(L)'
_entity_poly.pdbx_seq_one_letter_code
;MAFNDLLKQVGGVGRFQLIQVTMVVAPLLLMASHNTLQNFTAAIPPHHCRPPANANLSKDGGLEAWLPLDKQGQPESCLR
FTSPQWGPPFYNGTEANGTRVTEPCIDGWVYDNSTFPSTIVTEWNLVCSHRAFRQLAQSLYMVGVLLGAMVFGYLADRLG
RRKVLILNYLQTAVSGTCAAYAPNYTVYCVFRLLSGMSLASIAINCMTLNVEWMPIHTRAYVGTLIGYVYSLGQFLLAGI
AYAVPHWRHLQLVVSVPFFIAFIYSWFFIESARWYSSSGRLDLTLRALQRVARINGKQEEGAKLSIEVLRTSLQKELTLS
KGQASAMELLRCPTLRHLFLCLSMLWFATSFAYYGLVMDLQGFGVSMYLIQVIFGAVDLPAKFVCFLVINSMGRRPAQMA
SLLLAGICILVNGIIPKSHTIIRTSLAVLGKGCLASSFNCIFLYTGELYPTVIRQTGLGMGSTMARVGSIVSPLVSMTAE
FYPSMPLFIFGAVPVVASAVTALLPETLGQPLPDTVQDLKSRSRGKQNQQQQEQQKQMMPLQASTQEKNGL
;
_entity_poly.pdbx_strand_id   A
#
# COMPACT_ATOMS: atom_id res chain seq x y z
N ALA A 2 2.14 3.46 35.27
CA ALA A 2 2.11 3.44 33.82
C ALA A 2 1.46 2.17 33.29
N PHE A 3 0.92 2.24 32.08
CA PHE A 3 0.28 1.06 31.48
C PHE A 3 1.31 -0.02 31.15
N ASN A 4 2.55 0.38 30.86
CA ASN A 4 3.59 -0.60 30.57
C ASN A 4 3.85 -1.52 31.75
N ASP A 5 3.83 -0.97 32.96
CA ASP A 5 4.03 -1.80 34.15
C ASP A 5 2.91 -2.82 34.30
N LEU A 6 1.67 -2.41 34.03
CA LEU A 6 0.55 -3.35 34.06
C LEU A 6 0.72 -4.43 32.99
N LEU A 7 1.17 -4.04 31.80
CA LEU A 7 1.39 -5.02 30.73
C LEU A 7 2.45 -6.04 31.13
N LYS A 8 3.56 -5.58 31.71
CA LYS A 8 4.58 -6.51 32.18
C LYS A 8 4.04 -7.39 33.30
N GLN A 9 3.22 -6.81 34.18
CA GLN A 9 2.64 -7.56 35.28
C GLN A 9 1.76 -8.70 34.77
N VAL A 10 0.98 -8.45 33.72
CA VAL A 10 0.06 -9.47 33.21
C VAL A 10 0.72 -10.43 32.23
N GLY A 11 2.02 -10.29 31.97
CA GLY A 11 2.73 -11.29 31.22
C GLY A 11 3.74 -10.80 30.20
N GLY A 12 3.84 -9.49 30.00
CA GLY A 12 4.72 -8.98 28.97
C GLY A 12 4.31 -9.49 27.61
N VAL A 13 5.28 -10.00 26.86
CA VAL A 13 5.01 -10.65 25.57
C VAL A 13 4.74 -12.11 25.88
N GLY A 14 3.48 -12.44 26.16
CA GLY A 14 3.08 -13.76 26.54
C GLY A 14 2.35 -14.50 25.44
N ARG A 15 1.69 -15.59 25.84
CA ARG A 15 0.98 -16.44 24.88
C ARG A 15 -0.13 -15.67 24.17
N PHE A 16 -0.87 -14.83 24.93
CA PHE A 16 -1.91 -14.02 24.31
C PHE A 16 -1.35 -13.09 23.26
N GLN A 17 -0.24 -12.43 23.57
CA GLN A 17 0.35 -11.49 22.62
C GLN A 17 0.71 -12.20 21.33
N LEU A 18 1.35 -13.36 21.43
CA LEU A 18 1.71 -14.12 20.24
C LEU A 18 0.47 -14.48 19.42
N ILE A 19 -0.53 -15.09 20.07
CA ILE A 19 -1.70 -15.57 19.33
C ILE A 19 -2.43 -14.41 18.66
N GLN A 20 -2.73 -13.36 19.43
CA GLN A 20 -3.53 -12.26 18.89
C GLN A 20 -2.75 -11.49 17.83
N VAL A 21 -1.46 -11.22 18.05
CA VAL A 21 -0.68 -10.49 17.07
C VAL A 21 -0.62 -11.26 15.76
N THR A 22 -0.39 -12.59 15.84
CA THR A 22 -0.35 -13.39 14.62
C THR A 22 -1.68 -13.35 13.88
N MET A 23 -2.79 -13.56 14.60
CA MET A 23 -4.09 -13.58 13.94
C MET A 23 -4.43 -12.23 13.34
N VAL A 24 -4.13 -11.14 14.04
CA VAL A 24 -4.43 -9.81 13.54
C VAL A 24 -3.56 -9.47 12.33
N VAL A 25 -2.30 -9.93 12.32
CA VAL A 25 -1.38 -9.58 11.24
C VAL A 25 -1.57 -10.43 10.00
N ALA A 26 -2.20 -11.61 10.12
CA ALA A 26 -2.33 -12.51 8.97
C ALA A 26 -2.95 -11.89 7.72
N PRO A 27 -4.04 -11.10 7.78
CA PRO A 27 -4.61 -10.54 6.53
C PRO A 27 -3.69 -9.56 5.78
N LEU A 28 -2.68 -9.02 6.45
CA LEU A 28 -1.73 -8.18 5.72
C LEU A 28 -0.99 -8.98 4.64
N LEU A 29 -1.00 -10.31 4.73
CA LEU A 29 -0.46 -11.13 3.65
C LEU A 29 -1.23 -10.89 2.35
N LEU A 30 -2.54 -10.75 2.42
CA LEU A 30 -3.36 -10.45 1.25
C LEU A 30 -3.44 -8.97 0.95
N MET A 31 -2.95 -8.13 1.86
CA MET A 31 -2.93 -6.68 1.60
C MET A 31 -2.26 -6.34 0.27
N ALA A 32 -1.09 -6.92 -0.01
CA ALA A 32 -0.39 -6.64 -1.25
C ALA A 32 -1.17 -7.14 -2.47
N SER A 33 -1.77 -8.33 -2.36
CA SER A 33 -2.62 -8.84 -3.42
C SER A 33 -3.70 -7.83 -3.77
N HIS A 34 -4.39 -7.31 -2.76
CA HIS A 34 -5.48 -6.38 -3.05
C HIS A 34 -4.95 -5.05 -3.58
N ASN A 35 -3.82 -4.57 -3.04
CA ASN A 35 -3.30 -3.28 -3.48
C ASN A 35 -2.84 -3.30 -4.94
N THR A 36 -2.23 -4.39 -5.39
CA THR A 36 -1.67 -4.45 -6.75
C THR A 36 -2.33 -5.53 -7.61
N LEU A 37 -3.58 -5.90 -7.29
CA LEU A 37 -4.28 -6.95 -8.01
C LEU A 37 -4.45 -6.64 -9.50
N GLN A 38 -4.61 -5.36 -9.86
CA GLN A 38 -4.94 -5.03 -11.24
C GLN A 38 -3.83 -5.40 -12.21
N ASN A 39 -2.59 -5.59 -11.73
CA ASN A 39 -1.54 -6.11 -12.60
C ASN A 39 -1.95 -7.41 -13.26
N PHE A 40 -2.74 -8.23 -12.57
CA PHE A 40 -3.21 -9.50 -13.10
C PHE A 40 -4.68 -9.50 -13.48
N THR A 41 -5.56 -8.95 -12.65
CA THR A 41 -6.98 -8.88 -13.00
C THR A 41 -7.26 -7.88 -14.12
N ALA A 42 -6.36 -6.91 -14.33
CA ALA A 42 -6.52 -5.93 -15.40
C ALA A 42 -5.38 -6.04 -16.41
N ALA A 43 -4.82 -7.23 -16.59
CA ALA A 43 -3.75 -7.42 -17.55
C ALA A 43 -4.25 -7.16 -18.97
N ILE A 44 -3.36 -6.64 -19.80
CA ILE A 44 -3.72 -6.27 -21.17
C ILE A 44 -3.14 -7.28 -22.13
N PRO A 45 -3.94 -8.20 -22.66
CA PRO A 45 -3.44 -9.12 -23.69
C PRO A 45 -3.38 -8.45 -25.03
N PRO A 46 -2.62 -8.99 -25.98
CA PRO A 46 -2.64 -8.44 -27.34
C PRO A 46 -4.04 -8.48 -27.93
N HIS A 47 -4.37 -7.44 -28.69
CA HIS A 47 -5.73 -7.29 -29.21
C HIS A 47 -5.68 -6.53 -30.53
N HIS A 48 -6.69 -6.78 -31.36
CA HIS A 48 -6.86 -6.05 -32.60
C HIS A 48 -8.35 -6.01 -32.94
N CYS A 49 -8.70 -5.19 -33.93
CA CYS A 49 -10.09 -5.07 -34.35
C CYS A 49 -10.62 -6.40 -34.87
N ARG A 50 -11.87 -6.69 -34.54
CA ARG A 50 -12.55 -7.83 -35.14
C ARG A 50 -13.02 -7.50 -36.55
N PRO A 51 -12.85 -8.42 -37.50
CA PRO A 51 -13.29 -8.15 -38.88
C PRO A 51 -14.81 -8.06 -38.95
N PRO A 52 -15.34 -7.39 -39.99
CA PRO A 52 -16.79 -7.29 -40.13
C PRO A 52 -17.45 -8.67 -40.21
N ALA A 53 -18.62 -8.80 -39.58
CA ALA A 53 -19.28 -10.09 -39.48
C ALA A 53 -19.70 -10.61 -40.85
N ASN A 54 -20.23 -9.73 -41.70
CA ASN A 54 -20.69 -10.18 -43.01
C ASN A 54 -19.55 -10.61 -43.91
N ALA A 55 -18.34 -10.14 -43.64
CA ALA A 55 -17.18 -10.51 -44.44
C ALA A 55 -16.75 -11.94 -44.13
N ASN A 56 -16.10 -12.57 -45.10
CA ASN A 56 -15.59 -13.93 -44.97
C ASN A 56 -14.08 -13.89 -44.84
N LEU A 57 -13.56 -14.56 -43.82
CA LEU A 57 -12.12 -14.58 -43.57
C LEU A 57 -11.40 -15.45 -44.59
N GLY A 61 -8.81 -12.99 -48.47
CA GLY A 61 -7.55 -12.41 -48.05
C GLY A 61 -7.13 -12.82 -46.64
N GLY A 62 -8.12 -13.01 -45.77
CA GLY A 62 -7.86 -13.40 -44.40
C GLY A 62 -7.87 -12.23 -43.45
N LEU A 63 -7.53 -12.53 -42.20
CA LEU A 63 -7.48 -11.51 -41.16
C LEU A 63 -6.38 -10.49 -41.42
N GLU A 64 -5.25 -10.93 -42.00
CA GLU A 64 -4.14 -10.01 -42.27
C GLU A 64 -4.53 -8.96 -43.30
N ALA A 65 -5.47 -9.28 -44.19
CA ALA A 65 -5.93 -8.32 -45.19
C ALA A 65 -6.84 -7.25 -44.59
N TRP A 66 -7.25 -7.40 -43.34
CA TRP A 66 -8.13 -6.45 -42.68
C TRP A 66 -7.42 -5.54 -41.70
N LEU A 67 -6.17 -5.83 -41.34
CA LEU A 67 -5.50 -5.14 -40.25
C LEU A 67 -4.33 -4.33 -40.75
N PRO A 68 -4.31 -3.02 -40.57
CA PRO A 68 -3.09 -2.25 -40.82
C PRO A 68 -1.99 -2.64 -39.84
N LEU A 69 -0.75 -2.49 -40.29
CA LEU A 69 0.41 -2.85 -39.49
C LEU A 69 1.07 -1.60 -38.91
N ASP A 70 1.71 -1.77 -37.76
CA ASP A 70 2.44 -0.67 -37.13
C ASP A 70 3.88 -0.68 -37.62
N LYS A 71 4.73 0.16 -37.01
CA LYS A 71 6.12 0.26 -37.44
C LYS A 71 6.91 -1.02 -37.14
N GLN A 72 6.47 -1.83 -36.18
CA GLN A 72 7.17 -3.04 -35.81
C GLN A 72 6.63 -4.28 -36.51
N GLY A 73 5.66 -4.13 -37.42
CA GLY A 73 5.12 -5.25 -38.16
C GLY A 73 3.95 -5.95 -37.50
N GLN A 74 3.61 -5.60 -36.26
CA GLN A 74 2.47 -6.19 -35.61
C GLN A 74 1.17 -5.52 -36.09
N PRO A 75 0.05 -6.24 -36.05
CA PRO A 75 -1.23 -5.60 -36.38
C PRO A 75 -1.55 -4.48 -35.40
N GLU A 76 -2.19 -3.44 -35.90
CA GLU A 76 -2.59 -2.34 -35.05
C GLU A 76 -3.73 -2.76 -34.13
N SER A 77 -3.69 -2.31 -32.88
CA SER A 77 -4.66 -2.73 -31.89
C SER A 77 -6.03 -2.05 -32.09
N CYS A 78 -6.05 -0.85 -32.66
CA CYS A 78 -7.25 -0.03 -32.63
C CYS A 78 -7.74 0.42 -34.00
N LEU A 79 -7.30 -0.21 -35.08
CA LEU A 79 -7.76 0.21 -36.41
C LEU A 79 -7.81 -0.99 -37.34
N ARG A 80 -8.78 -0.96 -38.26
CA ARG A 80 -8.92 -1.96 -39.29
C ARG A 80 -9.27 -1.26 -40.60
N PHE A 81 -8.96 -1.91 -41.71
CA PHE A 81 -9.33 -1.39 -43.02
C PHE A 81 -10.84 -1.51 -43.23
N THR A 82 -11.39 -0.54 -43.95
CA THR A 82 -12.81 -0.61 -44.31
C THR A 82 -13.07 -1.61 -45.42
N SER A 83 -12.07 -1.92 -46.23
CA SER A 83 -12.16 -2.94 -47.28
C SER A 83 -10.95 -3.85 -47.21
N PRO A 84 -11.11 -5.12 -47.55
CA PRO A 84 -9.97 -6.04 -47.50
C PRO A 84 -8.90 -5.66 -48.52
N GLN A 85 -7.65 -5.91 -48.14
CA GLN A 85 -6.52 -5.59 -49.00
C GLN A 85 -6.32 -6.67 -50.07
N ARG A 100 -7.32 1.80 -48.88
CA ARG A 100 -6.66 1.77 -47.58
C ARG A 100 -7.25 2.83 -46.65
N VAL A 101 -8.52 2.67 -46.31
CA VAL A 101 -9.21 3.57 -45.40
C VAL A 101 -9.40 2.84 -44.07
N THR A 102 -8.83 3.39 -43.01
CA THR A 102 -8.89 2.77 -41.69
C THR A 102 -10.11 3.26 -40.91
N GLU A 103 -10.63 2.38 -40.07
CA GLU A 103 -11.75 2.68 -39.19
C GLU A 103 -11.49 2.02 -37.84
N PRO A 104 -12.09 2.53 -36.77
CA PRO A 104 -11.91 1.91 -35.45
C PRO A 104 -12.52 0.53 -35.35
N CYS A 105 -12.46 -0.08 -34.17
CA CYS A 105 -13.03 -1.41 -33.95
C CYS A 105 -14.52 -1.26 -33.67
N ILE A 106 -15.29 -1.10 -34.74
CA ILE A 106 -16.75 -1.01 -34.60
C ILE A 106 -17.32 -2.33 -34.10
N ASP A 107 -16.80 -3.45 -34.59
CA ASP A 107 -17.32 -4.77 -34.25
C ASP A 107 -16.62 -5.40 -33.04
N GLY A 108 -15.79 -4.64 -32.33
CA GLY A 108 -15.13 -5.14 -31.15
C GLY A 108 -13.69 -5.55 -31.39
N TRP A 109 -13.17 -6.33 -30.46
CA TRP A 109 -11.77 -6.73 -30.47
C TRP A 109 -11.64 -8.24 -30.32
N VAL A 110 -10.52 -8.75 -30.83
CA VAL A 110 -10.10 -10.13 -30.62
C VAL A 110 -8.94 -10.09 -29.65
N TYR A 111 -9.04 -10.83 -28.55
CA TYR A 111 -8.04 -10.81 -27.50
C TYR A 111 -7.26 -12.13 -27.51
N ASP A 112 -5.94 -12.02 -27.45
CA ASP A 112 -5.09 -13.20 -27.32
C ASP A 112 -5.29 -13.81 -25.93
N ASN A 113 -5.79 -15.04 -25.88
CA ASN A 113 -6.13 -15.69 -24.63
C ASN A 113 -5.11 -16.73 -24.21
N SER A 114 -3.91 -16.69 -24.78
CA SER A 114 -2.89 -17.69 -24.46
C SER A 114 -2.45 -17.58 -23.00
N THR A 115 -2.17 -16.37 -22.54
CA THR A 115 -1.70 -16.14 -21.18
C THR A 115 -2.82 -15.69 -20.24
N PHE A 116 -3.51 -14.61 -20.58
CA PHE A 116 -4.58 -14.08 -19.73
C PHE A 116 -5.93 -14.34 -20.40
N PRO A 117 -6.62 -15.43 -20.04
CA PRO A 117 -7.91 -15.74 -20.68
C PRO A 117 -8.97 -14.69 -20.44
N SER A 118 -8.99 -14.05 -19.28
CA SER A 118 -10.07 -13.13 -18.93
C SER A 118 -9.58 -12.10 -17.92
N THR A 119 -9.65 -10.83 -18.30
CA THR A 119 -9.36 -9.71 -17.43
C THR A 119 -10.49 -8.71 -17.56
N ILE A 120 -10.52 -7.72 -16.66
CA ILE A 120 -11.51 -6.65 -16.80
C ILE A 120 -11.29 -5.89 -18.10
N VAL A 121 -10.06 -5.88 -18.61
CA VAL A 121 -9.77 -5.25 -19.90
C VAL A 121 -10.52 -5.97 -21.01
N THR A 122 -10.41 -7.30 -21.07
CA THR A 122 -11.16 -8.04 -22.09
C THR A 122 -12.66 -8.07 -21.77
N GLU A 123 -13.01 -8.07 -20.48
CA GLU A 123 -14.42 -8.19 -20.10
C GLU A 123 -15.22 -6.98 -20.55
N TRP A 124 -14.67 -5.78 -20.37
CA TRP A 124 -15.40 -4.54 -20.65
C TRP A 124 -14.73 -3.71 -21.74
N ASN A 125 -13.82 -4.29 -22.50
CA ASN A 125 -13.15 -3.64 -23.63
C ASN A 125 -12.47 -2.34 -23.18
N LEU A 126 -11.59 -2.46 -22.20
CA LEU A 126 -10.85 -1.32 -21.66
C LEU A 126 -9.56 -1.10 -22.45
N VAL A 127 -9.73 -0.84 -23.75
CA VAL A 127 -8.63 -0.64 -24.67
C VAL A 127 -8.93 0.61 -25.51
N CYS A 128 -7.92 1.00 -26.29
CA CYS A 128 -8.04 2.05 -27.31
C CYS A 128 -8.51 3.34 -26.63
N SER A 129 -9.60 3.96 -27.08
CA SER A 129 -10.08 5.19 -26.47
C SER A 129 -10.62 4.98 -25.06
N HIS A 130 -10.87 3.74 -24.65
CA HIS A 130 -11.33 3.42 -23.31
C HIS A 130 -10.23 2.83 -22.43
N ARG A 131 -8.97 2.95 -22.84
CA ARG A 131 -7.89 2.34 -22.06
C ARG A 131 -7.73 3.01 -20.70
N ALA A 132 -8.03 4.31 -20.60
CA ALA A 132 -7.85 5.04 -19.35
C ALA A 132 -8.75 4.53 -18.23
N PHE A 133 -9.84 3.84 -18.57
CA PHE A 133 -10.73 3.31 -17.53
C PHE A 133 -10.02 2.28 -16.66
N ARG A 134 -9.00 1.60 -17.20
CA ARG A 134 -8.20 0.69 -16.41
C ARG A 134 -7.50 1.42 -15.27
N GLN A 135 -6.91 2.58 -15.57
CA GLN A 135 -6.22 3.36 -14.54
C GLN A 135 -7.21 4.04 -13.61
N LEU A 136 -8.38 4.46 -14.13
CA LEU A 136 -9.38 5.09 -13.28
C LEU A 136 -9.82 4.13 -12.18
N ALA A 137 -10.00 2.85 -12.51
CA ALA A 137 -10.39 1.86 -11.52
C ALA A 137 -9.32 1.70 -10.45
N GLN A 138 -8.04 1.67 -10.83
CA GLN A 138 -6.97 1.62 -9.85
C GLN A 138 -6.99 2.85 -8.95
N SER A 139 -7.17 4.03 -9.53
CA SER A 139 -7.23 5.26 -8.75
C SER A 139 -8.40 5.24 -7.77
N LEU A 140 -9.56 4.75 -8.23
CA LEU A 140 -10.73 4.70 -7.35
C LEU A 140 -10.49 3.76 -6.17
N TYR A 141 -9.78 2.65 -6.40
CA TYR A 141 -9.35 1.81 -5.29
C TYR A 141 -8.52 2.62 -4.29
N MET A 142 -7.48 3.30 -4.77
CA MET A 142 -6.65 4.11 -3.87
C MET A 142 -7.43 5.26 -3.25
N VAL A 143 -8.46 5.76 -3.93
CA VAL A 143 -9.35 6.73 -3.30
C VAL A 143 -10.03 6.11 -2.09
N GLY A 144 -10.52 4.88 -2.24
CA GLY A 144 -11.11 4.18 -1.09
C GLY A 144 -10.12 3.99 0.04
N VAL A 145 -8.87 3.66 -0.30
CA VAL A 145 -7.83 3.49 0.72
C VAL A 145 -7.65 4.78 1.49
N LEU A 146 -7.61 5.92 0.79
CA LEU A 146 -7.48 7.21 1.46
C LEU A 146 -8.69 7.48 2.36
N LEU A 147 -9.90 7.24 1.84
CA LEU A 147 -11.11 7.50 2.62
C LEU A 147 -11.20 6.59 3.83
N GLY A 148 -10.84 5.32 3.66
CA GLY A 148 -10.88 4.39 4.77
C GLY A 148 -9.91 4.74 5.90
N ALA A 149 -8.76 5.31 5.54
CA ALA A 149 -7.81 5.75 6.56
C ALA A 149 -8.41 6.84 7.44
N MET A 150 -9.13 7.79 6.83
CA MET A 150 -9.71 8.90 7.60
C MET A 150 -10.97 8.47 8.33
N VAL A 151 -11.89 7.79 7.65
CA VAL A 151 -13.20 7.48 8.24
C VAL A 151 -13.06 6.45 9.35
N PHE A 152 -12.32 5.37 9.09
CA PHE A 152 -12.17 4.34 10.11
C PHE A 152 -11.11 4.69 11.15
N GLY A 153 -10.25 5.67 10.85
CA GLY A 153 -9.41 6.21 11.90
C GLY A 153 -10.22 6.89 12.99
N TYR A 154 -11.23 7.65 12.59
CA TYR A 154 -12.15 8.24 13.56
C TYR A 154 -13.02 7.17 14.21
N LEU A 155 -13.52 6.22 13.42
CA LEU A 155 -14.42 5.20 13.96
C LEU A 155 -13.73 4.32 14.99
N ALA A 156 -12.45 3.98 14.75
CA ALA A 156 -11.72 3.14 15.69
C ALA A 156 -11.58 3.82 17.06
N ASP A 157 -11.48 5.14 17.08
CA ASP A 157 -11.38 5.85 18.35
C ASP A 157 -12.69 5.78 19.14
N ARG A 158 -13.83 5.90 18.47
CA ARG A 158 -15.11 5.87 19.17
C ARG A 158 -15.54 4.46 19.51
N LEU A 159 -15.41 3.52 18.56
CA LEU A 159 -15.90 2.16 18.76
C LEU A 159 -14.85 1.19 19.24
N GLY A 160 -13.57 1.53 19.15
CA GLY A 160 -12.52 0.62 19.52
C GLY A 160 -11.92 -0.09 18.32
N ARG A 161 -10.70 -0.61 18.52
CA ARG A 161 -9.99 -1.26 17.44
C ARG A 161 -10.61 -2.60 17.07
N ARG A 162 -11.08 -3.35 18.07
CA ARG A 162 -11.60 -4.69 17.81
C ARG A 162 -12.86 -4.65 16.94
N LYS A 163 -13.83 -3.82 17.31
CA LYS A 163 -15.08 -3.77 16.57
C LYS A 163 -14.86 -3.31 15.14
N VAL A 164 -14.02 -2.29 14.94
CA VAL A 164 -13.77 -1.78 13.60
C VAL A 164 -13.09 -2.84 12.74
N LEU A 165 -12.13 -3.57 13.32
CA LEU A 165 -11.50 -4.66 12.60
C LEU A 165 -12.51 -5.73 12.18
N ILE A 166 -13.45 -6.05 13.08
CA ILE A 166 -14.50 -7.02 12.74
C ILE A 166 -15.31 -6.52 11.56
N LEU A 167 -15.69 -5.23 11.58
CA LEU A 167 -16.43 -4.65 10.47
C LEU A 167 -15.59 -4.62 9.19
N ASN A 168 -14.31 -4.26 9.32
CA ASN A 168 -13.44 -4.16 8.13
C ASN A 168 -13.31 -5.51 7.45
N TYR A 169 -13.07 -6.58 8.21
CA TYR A 169 -12.96 -7.90 7.62
C TYR A 169 -14.21 -8.26 6.83
N LEU A 170 -15.39 -8.06 7.42
CA LEU A 170 -16.64 -8.34 6.74
C LEU A 170 -16.78 -7.50 5.48
N GLN A 171 -16.50 -6.19 5.59
CA GLN A 171 -16.62 -5.30 4.44
C GLN A 171 -15.65 -5.69 3.33
N THR A 172 -14.40 -6.01 3.68
CA THR A 172 -13.42 -6.44 2.69
C THR A 172 -13.89 -7.72 2.00
N ALA A 173 -14.38 -8.69 2.78
CA ALA A 173 -14.83 -9.94 2.21
C ALA A 173 -16.05 -9.75 1.31
N VAL A 174 -17.02 -8.94 1.75
CA VAL A 174 -18.24 -8.76 0.97
C VAL A 174 -17.95 -7.94 -0.28
N SER A 175 -17.23 -6.83 -0.13
CA SER A 175 -16.98 -5.96 -1.28
C SER A 175 -16.07 -6.62 -2.30
N GLY A 176 -15.04 -7.32 -1.85
CA GLY A 176 -14.16 -8.02 -2.78
C GLY A 176 -14.89 -9.11 -3.55
N THR A 177 -15.76 -9.85 -2.86
CA THR A 177 -16.59 -10.85 -3.53
C THR A 177 -17.54 -10.20 -4.52
N CYS A 178 -18.15 -9.07 -4.15
CA CYS A 178 -19.05 -8.38 -5.05
C CYS A 178 -18.32 -7.89 -6.29
N ALA A 179 -17.09 -7.40 -6.13
CA ALA A 179 -16.29 -7.00 -7.28
C ALA A 179 -16.06 -8.16 -8.24
N ALA A 180 -15.76 -9.35 -7.69
CA ALA A 180 -15.58 -10.52 -8.53
C ALA A 180 -16.83 -10.83 -9.34
N TYR A 181 -18.02 -10.53 -8.80
CA TYR A 181 -19.28 -10.79 -9.46
C TYR A 181 -19.89 -9.54 -10.09
N ALA A 182 -19.09 -8.50 -10.30
CA ALA A 182 -19.62 -7.25 -10.83
C ALA A 182 -20.15 -7.45 -12.24
N PRO A 183 -21.38 -6.99 -12.54
CA PRO A 183 -21.91 -7.13 -13.90
C PRO A 183 -21.45 -6.07 -14.88
N ASN A 184 -20.83 -4.99 -14.41
CA ASN A 184 -20.35 -3.93 -15.29
C ASN A 184 -19.21 -3.20 -14.61
N TYR A 185 -18.52 -2.37 -15.40
CA TYR A 185 -17.35 -1.65 -14.90
C TYR A 185 -17.68 -0.77 -13.70
N THR A 186 -18.80 -0.06 -13.74
CA THR A 186 -19.16 0.85 -12.66
C THR A 186 -19.30 0.11 -11.33
N VAL A 187 -20.03 -1.02 -11.34
CA VAL A 187 -20.20 -1.80 -10.13
C VAL A 187 -18.85 -2.31 -9.61
N TYR A 188 -17.98 -2.77 -10.52
CA TYR A 188 -16.66 -3.22 -10.13
C TYR A 188 -15.88 -2.12 -9.44
N CYS A 189 -15.94 -0.89 -9.98
CA CYS A 189 -15.22 0.22 -9.37
C CYS A 189 -15.74 0.54 -7.98
N VAL A 190 -17.07 0.58 -7.83
CA VAL A 190 -17.67 0.93 -6.55
C VAL A 190 -17.20 -0.03 -5.46
N PHE A 191 -17.27 -1.34 -5.76
CA PHE A 191 -16.89 -2.33 -4.76
C PHE A 191 -15.39 -2.40 -4.54
N ARG A 192 -14.58 -2.17 -5.58
CA ARG A 192 -13.14 -2.06 -5.37
C ARG A 192 -12.82 -0.90 -4.43
N LEU A 193 -13.49 0.23 -4.62
CA LEU A 193 -13.29 1.36 -3.71
C LEU A 193 -13.66 0.99 -2.28
N LEU A 194 -14.80 0.31 -2.10
CA LEU A 194 -15.21 -0.11 -0.77
C LEU A 194 -14.21 -1.10 -0.17
N SER A 195 -13.68 -2.01 -1.00
CA SER A 195 -12.66 -2.93 -0.51
C SER A 195 -11.42 -2.19 -0.04
N GLY A 196 -10.99 -1.17 -0.79
CA GLY A 196 -9.87 -0.36 -0.37
C GLY A 196 -10.13 0.40 0.92
N MET A 197 -11.37 0.81 1.13
CA MET A 197 -11.73 1.52 2.36
C MET A 197 -11.47 0.65 3.59
N SER A 198 -11.99 -0.58 3.58
CA SER A 198 -11.83 -1.45 4.75
C SER A 198 -10.41 -2.00 4.86
N LEU A 199 -9.75 -2.25 3.73
CA LEU A 199 -8.39 -2.79 3.76
C LEU A 199 -7.41 -1.79 4.35
N ALA A 200 -7.59 -0.50 4.05
CA ALA A 200 -6.74 0.53 4.65
C ALA A 200 -6.92 0.57 6.16
N SER A 201 -8.15 0.43 6.63
CA SER A 201 -8.39 0.37 8.06
C SER A 201 -7.78 -0.88 8.68
N ILE A 202 -7.82 -2.01 7.96
CA ILE A 202 -7.22 -3.24 8.46
C ILE A 202 -5.74 -3.03 8.71
N ALA A 203 -5.04 -2.44 7.75
CA ALA A 203 -3.60 -2.20 7.92
C ALA A 203 -3.32 -1.21 9.04
N ILE A 204 -4.10 -0.14 9.12
CA ILE A 204 -3.88 0.88 10.14
C ILE A 204 -4.19 0.33 11.53
N ASN A 205 -5.33 -0.36 11.67
CA ASN A 205 -5.76 -0.79 12.99
C ASN A 205 -5.12 -2.09 13.43
N CYS A 206 -4.53 -2.85 12.51
CA CYS A 206 -3.72 -3.99 12.91
C CYS A 206 -2.52 -3.55 13.73
N MET A 207 -1.83 -2.49 13.28
CA MET A 207 -0.64 -2.04 13.99
C MET A 207 -1.00 -1.29 15.27
N THR A 208 -2.16 -0.63 15.29
CA THR A 208 -2.58 0.07 16.50
C THR A 208 -2.97 -0.91 17.59
N LEU A 209 -3.77 -1.92 17.24
CA LEU A 209 -4.22 -2.88 18.25
C LEU A 209 -3.07 -3.72 18.79
N ASN A 210 -2.20 -4.21 17.89
CA ASN A 210 -1.10 -5.06 18.32
C ASN A 210 -0.11 -4.31 19.18
N VAL A 211 0.24 -3.08 18.79
CA VAL A 211 1.19 -2.28 19.56
C VAL A 211 0.65 -1.99 20.95
N GLU A 212 -0.63 -1.62 21.04
CA GLU A 212 -1.23 -1.27 22.32
C GLU A 212 -1.26 -2.46 23.29
N TRP A 213 -1.09 -3.68 22.81
CA TRP A 213 -1.04 -4.85 23.65
C TRP A 213 0.38 -5.35 23.87
N MET A 214 1.38 -4.62 23.41
CA MET A 214 2.77 -5.04 23.53
C MET A 214 3.58 -4.04 24.36
N PRO A 215 4.58 -4.51 25.09
CA PRO A 215 5.43 -3.59 25.85
C PRO A 215 6.17 -2.62 24.94
N ILE A 216 6.50 -1.45 25.49
CA ILE A 216 7.07 -0.37 24.69
C ILE A 216 8.36 -0.80 24.01
N HIS A 217 9.20 -1.56 24.72
CA HIS A 217 10.48 -1.97 24.14
C HIS A 217 10.33 -2.99 23.02
N THR A 218 9.15 -3.57 22.84
CA THR A 218 8.89 -4.51 21.76
C THR A 218 8.04 -3.89 20.65
N ARG A 219 7.76 -2.58 20.72
CA ARG A 219 6.88 -1.97 19.72
C ARG A 219 7.55 -1.86 18.36
N ALA A 220 8.87 -1.66 18.33
CA ALA A 220 9.58 -1.57 17.06
C ALA A 220 9.52 -2.87 16.29
N TYR A 221 9.48 -4.00 17.01
CA TYR A 221 9.41 -5.30 16.35
C TYR A 221 8.06 -5.50 15.65
N VAL A 222 7.00 -4.90 16.17
CA VAL A 222 5.68 -5.05 15.56
C VAL A 222 5.67 -4.41 14.18
N GLY A 223 6.17 -3.18 14.09
CA GLY A 223 6.28 -2.53 12.79
C GLY A 223 7.24 -3.25 11.85
N THR A 224 8.30 -3.84 12.42
CA THR A 224 9.24 -4.62 11.61
C THR A 224 8.59 -5.90 11.08
N LEU A 225 7.85 -6.61 11.95
CA LEU A 225 7.18 -7.84 11.52
C LEU A 225 6.16 -7.54 10.43
N ILE A 226 5.46 -6.42 10.53
CA ILE A 226 4.47 -6.05 9.52
C ILE A 226 5.15 -5.82 8.18
N GLY A 227 6.35 -5.24 8.20
CA GLY A 227 7.10 -5.07 6.96
C GLY A 227 7.47 -6.39 6.31
N TYR A 228 7.79 -7.39 7.13
CA TYR A 228 8.08 -8.72 6.59
C TYR A 228 6.82 -9.38 6.04
N VAL A 229 5.67 -9.14 6.67
CA VAL A 229 4.44 -9.76 6.22
C VAL A 229 4.01 -9.20 4.87
N TYR A 230 4.10 -7.88 4.70
CA TYR A 230 3.75 -7.27 3.42
C TYR A 230 4.68 -7.75 2.31
N SER A 231 5.97 -7.91 2.62
CA SER A 231 6.90 -8.43 1.63
C SER A 231 6.55 -9.86 1.23
N LEU A 232 6.14 -10.68 2.21
CA LEU A 232 5.71 -12.04 1.91
C LEU A 232 4.42 -12.05 1.09
N GLY A 233 3.58 -11.04 1.26
CA GLY A 233 2.34 -10.97 0.49
C GLY A 233 2.57 -10.81 -1.00
N GLN A 234 3.64 -10.14 -1.40
CA GLN A 234 3.97 -10.01 -2.82
C GLN A 234 4.26 -11.38 -3.44
N PHE A 235 4.97 -12.24 -2.70
CA PHE A 235 5.17 -13.60 -3.16
C PHE A 235 3.85 -14.34 -3.29
N LEU A 236 2.94 -14.14 -2.34
CA LEU A 236 1.67 -14.85 -2.35
C LEU A 236 0.84 -14.47 -3.58
N LEU A 237 0.80 -13.19 -3.93
CA LEU A 237 0.05 -12.76 -5.10
C LEU A 237 0.58 -13.41 -6.37
N ALA A 238 1.91 -13.53 -6.48
CA ALA A 238 2.50 -14.19 -7.63
C ALA A 238 2.01 -15.63 -7.76
N GLY A 239 2.01 -16.37 -6.65
CA GLY A 239 1.55 -17.75 -6.70
C GLY A 239 0.08 -17.88 -6.99
N ILE A 240 -0.75 -17.03 -6.38
CA ILE A 240 -2.18 -17.12 -6.58
C ILE A 240 -2.56 -16.74 -8.00
N ALA A 241 -2.02 -15.62 -8.50
CA ALA A 241 -2.35 -15.18 -9.85
C ALA A 241 -1.92 -16.20 -10.89
N TYR A 242 -0.73 -16.80 -10.71
CA TYR A 242 -0.29 -17.84 -11.63
C TYR A 242 -1.21 -19.05 -11.59
N ALA A 243 -1.66 -19.43 -10.39
CA ALA A 243 -2.56 -20.57 -10.27
C ALA A 243 -3.96 -20.23 -10.76
N VAL A 244 -4.41 -19.00 -10.54
CA VAL A 244 -5.77 -18.59 -10.89
C VAL A 244 -5.70 -17.42 -11.87
N PRO A 245 -5.67 -17.68 -13.19
CA PRO A 245 -5.55 -16.58 -14.15
C PRO A 245 -6.83 -15.79 -14.35
N HIS A 246 -8.00 -16.44 -14.28
CA HIS A 246 -9.26 -15.75 -14.54
C HIS A 246 -9.51 -14.69 -13.47
N TRP A 247 -9.79 -13.46 -13.91
CA TRP A 247 -9.84 -12.33 -13.00
C TRP A 247 -10.97 -12.47 -11.98
N ARG A 248 -12.14 -12.93 -12.41
CA ARG A 248 -13.26 -13.11 -11.47
C ARG A 248 -12.90 -14.11 -10.39
N HIS A 249 -12.31 -15.24 -10.79
CA HIS A 249 -11.87 -16.23 -9.82
C HIS A 249 -10.73 -15.69 -8.96
N LEU A 250 -9.81 -14.93 -9.57
CA LEU A 250 -8.70 -14.36 -8.82
C LEU A 250 -9.19 -13.34 -7.80
N GLN A 251 -10.03 -12.41 -8.23
CA GLN A 251 -10.59 -11.42 -7.32
C GLN A 251 -11.32 -12.11 -6.16
N LEU A 252 -12.12 -13.13 -6.46
CA LEU A 252 -12.84 -13.85 -5.43
C LEU A 252 -11.90 -14.54 -4.47
N VAL A 253 -10.86 -15.19 -4.98
CA VAL A 253 -10.02 -16.04 -4.14
C VAL A 253 -9.18 -15.24 -3.16
N VAL A 254 -8.85 -13.98 -3.48
CA VAL A 254 -8.13 -13.14 -2.52
C VAL A 254 -9.08 -12.40 -1.58
N SER A 255 -10.39 -12.48 -1.81
CA SER A 255 -11.37 -11.78 -0.99
C SER A 255 -12.03 -12.65 0.06
N VAL A 256 -12.37 -13.89 -0.28
CA VAL A 256 -13.08 -14.80 0.62
C VAL A 256 -12.29 -15.21 1.86
N PRO A 257 -10.94 -15.20 1.88
CA PRO A 257 -10.26 -15.44 3.16
C PRO A 257 -10.63 -14.46 4.25
N PHE A 258 -11.06 -13.24 3.90
CA PHE A 258 -11.44 -12.27 4.91
C PHE A 258 -12.74 -12.64 5.62
N PHE A 259 -13.53 -13.56 5.04
CA PHE A 259 -14.64 -14.14 5.78
C PHE A 259 -14.15 -14.96 6.97
N ILE A 260 -13.04 -15.67 6.79
CA ILE A 260 -12.47 -16.46 7.88
C ILE A 260 -11.94 -15.54 8.98
N ALA A 261 -11.24 -14.48 8.61
CA ALA A 261 -10.76 -13.51 9.59
C ALA A 261 -11.93 -12.86 10.31
N PHE A 262 -13.02 -12.60 9.59
CA PHE A 262 -14.20 -12.00 10.22
C PHE A 262 -14.76 -12.89 11.32
N ILE A 263 -14.74 -14.21 11.10
CA ILE A 263 -15.31 -15.14 12.08
C ILE A 263 -14.45 -15.16 13.35
N TYR A 264 -13.13 -15.28 13.20
CA TYR A 264 -12.29 -15.38 14.39
C TYR A 264 -11.97 -14.02 15.01
N SER A 265 -12.24 -12.91 14.32
CA SER A 265 -11.99 -11.60 14.90
C SER A 265 -12.90 -11.32 16.08
N TRP A 266 -14.04 -12.02 16.18
CA TRP A 266 -14.91 -11.87 17.34
C TRP A 266 -14.19 -12.25 18.63
N PHE A 267 -13.19 -13.12 18.53
CA PHE A 267 -12.42 -13.58 19.67
C PHE A 267 -11.20 -12.69 19.97
N PHE A 268 -11.04 -11.59 19.25
CA PHE A 268 -10.02 -10.62 19.62
C PHE A 268 -10.35 -10.02 20.98
N ILE A 269 -9.31 -9.56 21.69
CA ILE A 269 -9.47 -8.83 22.93
C ILE A 269 -9.13 -7.38 22.66
N GLU A 270 -10.08 -6.49 22.93
CA GLU A 270 -9.86 -5.07 22.75
C GLU A 270 -8.73 -4.59 23.66
N SER A 271 -8.00 -3.58 23.20
CA SER A 271 -6.84 -3.10 23.93
C SER A 271 -7.28 -2.40 25.21
N ALA A 272 -6.69 -2.82 26.34
CA ALA A 272 -7.02 -2.22 27.62
C ALA A 272 -6.66 -0.74 27.64
N ARG A 273 -5.63 -0.34 26.90
CA ARG A 273 -5.27 1.07 26.83
C ARG A 273 -6.38 1.90 26.21
N TRP A 274 -7.05 1.38 25.18
CA TRP A 274 -8.16 2.12 24.60
C TRP A 274 -9.34 2.21 25.54
N TYR A 275 -9.59 1.15 26.31
CA TYR A 275 -10.66 1.18 27.30
C TYR A 275 -10.43 2.28 28.32
N SER A 276 -9.20 2.42 28.80
CA SER A 276 -8.90 3.45 29.80
C SER A 276 -9.04 4.85 29.22
N SER A 277 -8.56 5.05 27.99
CA SER A 277 -8.70 6.35 27.33
C SER A 277 -10.16 6.69 27.04
N SER A 278 -11.04 5.69 27.02
CA SER A 278 -12.46 5.91 26.84
C SER A 278 -13.19 6.11 28.16
N GLY A 279 -12.46 6.20 29.27
CA GLY A 279 -13.06 6.33 30.59
C GLY A 279 -13.81 5.10 31.06
N ARG A 280 -13.29 3.91 30.75
CA ARG A 280 -13.89 2.65 31.17
C ARG A 280 -12.79 1.80 31.81
N LEU A 281 -12.55 2.01 33.10
CA LEU A 281 -11.54 1.24 33.80
C LEU A 281 -12.00 -0.17 34.12
N ASP A 282 -13.31 -0.37 34.33
CA ASP A 282 -13.82 -1.72 34.52
C ASP A 282 -13.69 -2.56 33.26
N LEU A 283 -13.76 -1.93 32.09
CA LEU A 283 -13.44 -2.64 30.86
C LEU A 283 -11.94 -2.86 30.73
N THR A 284 -11.14 -1.88 31.15
CA THR A 284 -9.69 -2.07 31.21
C THR A 284 -9.33 -3.20 32.14
N LEU A 285 -9.99 -3.28 33.30
CA LEU A 285 -9.70 -4.33 34.26
C LEU A 285 -10.04 -5.70 33.70
N ARG A 286 -11.22 -5.83 33.07
CA ARG A 286 -11.63 -7.13 32.57
C ARG A 286 -10.70 -7.61 31.45
N ALA A 287 -10.28 -6.71 30.57
CA ALA A 287 -9.35 -7.09 29.51
C ALA A 287 -8.02 -7.56 30.08
N LEU A 288 -7.47 -6.81 31.05
CA LEU A 288 -6.19 -7.18 31.63
C LEU A 288 -6.26 -8.53 32.34
N GLN A 289 -7.34 -8.77 33.08
CA GLN A 289 -7.46 -10.04 33.80
C GLN A 289 -7.64 -11.21 32.84
N ARG A 290 -8.35 -11.00 31.72
CA ARG A 290 -8.44 -12.04 30.71
C ARG A 290 -7.07 -12.38 30.13
N VAL A 291 -6.27 -11.36 29.84
CA VAL A 291 -4.94 -11.59 29.29
C VAL A 291 -4.04 -12.25 30.32
N ALA A 292 -4.17 -11.85 31.59
CA ALA A 292 -3.39 -12.49 32.64
C ALA A 292 -3.74 -13.98 32.77
N ARG A 293 -5.03 -14.31 32.63
CA ARG A 293 -5.43 -15.72 32.65
C ARG A 293 -4.82 -16.48 31.49
N ILE A 294 -4.81 -15.89 30.29
CA ILE A 294 -4.23 -16.55 29.12
C ILE A 294 -2.73 -16.69 29.27
N ASN A 295 -2.07 -15.68 29.85
CA ASN A 295 -0.62 -15.68 29.97
C ASN A 295 -0.11 -16.48 31.15
N GLY A 296 -0.99 -17.08 31.96
CA GLY A 296 -0.55 -17.80 33.13
C GLY A 296 -0.19 -16.92 34.31
N LYS A 297 -0.63 -15.67 34.32
CA LYS A 297 -0.33 -14.74 35.40
C LYS A 297 -1.61 -14.37 36.13
N GLN A 298 -2.45 -15.37 36.41
CA GLN A 298 -3.73 -15.11 37.07
C GLN A 298 -3.54 -14.48 38.43
N GLU A 299 -2.51 -14.92 39.17
CA GLU A 299 -2.24 -14.33 40.48
C GLU A 299 -1.93 -12.84 40.36
N GLU A 300 -1.15 -12.46 39.35
CA GLU A 300 -0.88 -11.04 39.12
C GLU A 300 -2.14 -10.31 38.67
N GLY A 301 -2.96 -10.96 37.83
CA GLY A 301 -4.21 -10.34 37.41
C GLY A 301 -5.20 -10.19 38.55
N ALA A 302 -5.25 -11.17 39.45
CA ALA A 302 -6.13 -11.10 40.62
C ALA A 302 -5.74 -9.97 41.55
N LYS A 303 -4.51 -9.45 41.45
CA LYS A 303 -4.07 -8.33 42.26
C LYS A 303 -4.47 -6.98 41.68
N LEU A 304 -5.12 -6.97 40.52
CA LEU A 304 -5.51 -5.73 39.87
C LEU A 304 -6.88 -5.27 40.37
N SER A 305 -7.09 -3.96 40.33
CA SER A 305 -8.34 -3.37 40.78
C SER A 305 -8.49 -2.00 40.11
N ILE A 306 -9.70 -1.46 40.19
CA ILE A 306 -9.97 -0.15 39.60
C ILE A 306 -9.08 0.90 40.25
N GLU A 307 -8.91 0.83 41.58
CA GLU A 307 -8.04 1.78 42.26
C GLU A 307 -6.60 1.64 41.81
N VAL A 308 -6.12 0.40 41.66
CA VAL A 308 -4.76 0.18 41.16
C VAL A 308 -4.63 0.73 39.75
N LEU A 309 -5.62 0.48 38.89
CA LEU A 309 -5.58 1.01 37.53
C LEU A 309 -5.66 2.53 37.52
N ARG A 310 -6.45 3.10 38.43
CA ARG A 310 -6.62 4.55 38.47
C ARG A 310 -5.30 5.25 38.79
N THR A 311 -4.55 4.73 39.75
CA THR A 311 -3.29 5.36 40.12
C THR A 311 -2.26 5.27 39.02
N SER A 312 -2.13 4.09 38.39
CA SER A 312 -1.10 3.90 37.37
C SER A 312 -1.36 4.77 36.15
N LEU A 313 -2.60 4.87 35.71
CA LEU A 313 -2.96 5.59 34.49
C LEU A 313 -3.30 7.05 34.74
N GLN A 314 -3.15 7.54 35.98
CA GLN A 314 -3.52 8.92 36.28
C GLN A 314 -2.66 9.91 35.50
N LYS A 315 -1.34 9.67 35.44
CA LYS A 315 -0.46 10.61 34.77
C LYS A 315 -0.60 10.53 33.25
N GLU A 316 -0.70 9.32 32.71
CA GLU A 316 -0.78 9.15 31.27
C GLU A 316 -2.07 9.75 30.72
N LEU A 317 -3.18 9.54 31.42
CA LEU A 317 -4.47 10.07 30.96
C LEU A 317 -4.61 11.55 31.32
N ALA A 324 -0.84 18.20 20.02
CA ALA A 324 -1.33 19.36 19.31
C ALA A 324 -2.26 18.96 18.17
N SER A 325 -2.89 19.96 17.55
CA SER A 325 -3.82 19.72 16.46
C SER A 325 -3.09 19.74 15.11
N ALA A 326 -3.70 19.08 14.13
CA ALA A 326 -3.12 19.04 12.79
C ALA A 326 -3.01 20.42 12.17
N MET A 327 -3.81 21.38 12.63
CA MET A 327 -3.70 22.75 12.12
C MET A 327 -2.38 23.38 12.54
N GLU A 328 -1.79 22.92 13.65
CA GLU A 328 -0.50 23.45 14.09
C GLU A 328 0.62 23.10 13.12
N LEU A 329 0.46 22.04 12.33
CA LEU A 329 1.43 21.73 11.29
C LEU A 329 1.55 22.85 10.26
N LEU A 330 0.51 23.65 10.11
CA LEU A 330 0.53 24.79 9.19
C LEU A 330 0.61 26.14 9.88
N ARG A 331 0.07 26.24 11.11
CA ARG A 331 0.09 27.52 11.81
C ARG A 331 1.50 27.86 12.30
N CYS A 332 2.22 26.88 12.80
CA CYS A 332 3.57 27.13 13.33
C CYS A 332 4.57 27.20 12.19
N PRO A 333 5.28 28.31 12.02
CA PRO A 333 6.28 28.37 10.93
C PRO A 333 7.38 27.33 11.05
N THR A 334 7.81 27.00 12.27
CA THR A 334 8.84 25.98 12.44
C THR A 334 8.33 24.61 12.03
N LEU A 335 7.12 24.26 12.46
CA LEU A 335 6.54 22.98 12.09
C LEU A 335 6.10 22.94 10.63
N ARG A 336 5.88 24.09 10.01
CA ARG A 336 5.38 24.13 8.64
C ARG A 336 6.44 23.66 7.65
N HIS A 337 7.68 24.13 7.82
CA HIS A 337 8.76 23.73 6.92
C HIS A 337 8.95 22.21 6.94
N LEU A 338 8.99 21.61 8.13
CA LEU A 338 9.11 20.17 8.22
C LEU A 338 7.94 19.47 7.56
N PHE A 339 6.72 19.94 7.83
CA PHE A 339 5.53 19.29 7.28
C PHE A 339 5.53 19.35 5.76
N LEU A 340 5.87 20.51 5.19
CA LEU A 340 5.87 20.64 3.73
C LEU A 340 6.94 19.76 3.10
N CYS A 341 8.16 19.79 3.65
CA CYS A 341 9.23 18.96 3.10
C CYS A 341 8.92 17.48 3.25
N LEU A 342 8.44 17.06 4.42
CA LEU A 342 8.11 15.66 4.62
C LEU A 342 6.95 15.22 3.74
N SER A 343 5.96 16.10 3.55
CA SER A 343 4.84 15.78 2.67
C SER A 343 5.32 15.45 1.26
N MET A 344 6.27 16.23 0.75
CA MET A 344 6.85 15.94 -0.56
C MET A 344 7.56 14.60 -0.56
N LEU A 345 8.31 14.29 0.50
CA LEU A 345 9.01 13.01 0.58
C LEU A 345 8.03 11.85 0.65
N TRP A 346 7.02 11.96 1.50
CA TRP A 346 6.00 10.91 1.59
C TRP A 346 5.26 10.74 0.28
N PHE A 347 4.87 11.84 -0.35
CA PHE A 347 4.15 11.77 -1.62
C PHE A 347 5.02 11.11 -2.69
N ALA A 348 6.24 11.62 -2.87
CA ALA A 348 7.09 11.16 -3.98
C ALA A 348 7.39 9.67 -3.87
N THR A 349 7.73 9.20 -2.67
CA THR A 349 8.05 7.80 -2.49
C THR A 349 6.89 6.91 -2.93
N SER A 350 5.69 7.21 -2.43
CA SER A 350 4.51 6.44 -2.80
C SER A 350 4.16 6.63 -4.27
N PHE A 351 4.21 7.88 -4.75
CA PHE A 351 3.90 8.17 -6.15
C PHE A 351 4.76 7.34 -7.10
N ALA A 352 6.07 7.35 -6.88
CA ALA A 352 6.97 6.58 -7.73
C ALA A 352 6.82 5.07 -7.49
N TYR A 353 6.55 4.67 -6.25
CA TYR A 353 6.43 3.25 -5.93
C TYR A 353 5.30 2.60 -6.72
N TYR A 354 4.10 3.19 -6.66
CA TYR A 354 2.96 2.64 -7.37
C TYR A 354 3.01 2.93 -8.87
N GLY A 355 3.70 3.99 -9.28
CA GLY A 355 3.98 4.16 -10.68
C GLY A 355 4.77 3.00 -11.26
N LEU A 356 5.69 2.44 -10.48
CA LEU A 356 6.55 1.36 -10.93
C LEU A 356 5.90 -0.02 -10.79
N VAL A 357 5.30 -0.30 -9.63
CA VAL A 357 4.80 -1.65 -9.36
C VAL A 357 3.49 -1.96 -10.06
N MET A 358 2.80 -0.96 -10.61
CA MET A 358 1.58 -1.19 -11.37
C MET A 358 1.85 -1.27 -12.87
N ASP A 359 3.12 -1.30 -13.28
CA ASP A 359 3.48 -1.42 -14.69
C ASP A 359 4.33 -2.67 -14.90
N LEU A 360 3.88 -3.79 -14.33
CA LEU A 360 4.64 -5.03 -14.42
C LEU A 360 4.75 -5.53 -15.85
N GLN A 361 3.69 -5.38 -16.64
CA GLN A 361 3.65 -5.91 -18.00
C GLN A 361 4.57 -5.18 -18.96
N GLY A 362 5.07 -4.00 -18.59
CA GLY A 362 5.87 -3.17 -19.45
C GLY A 362 7.36 -3.50 -19.50
N PHE A 363 7.81 -4.57 -18.84
CA PHE A 363 9.21 -4.90 -18.79
C PHE A 363 9.62 -6.00 -19.75
N GLY A 364 8.67 -6.72 -20.34
CA GLY A 364 8.97 -7.77 -21.29
C GLY A 364 9.29 -9.11 -20.69
N VAL A 365 9.39 -9.21 -19.37
CA VAL A 365 9.59 -10.46 -18.67
C VAL A 365 8.25 -10.87 -18.07
N SER A 366 8.07 -12.17 -17.84
CA SER A 366 6.85 -12.69 -17.24
C SER A 366 6.52 -11.93 -15.95
N MET A 367 5.26 -11.49 -15.84
CA MET A 367 4.85 -10.70 -14.69
C MET A 367 4.94 -11.49 -13.40
N TYR A 368 4.69 -12.80 -13.45
CA TYR A 368 4.79 -13.62 -12.25
C TYR A 368 6.22 -13.66 -11.73
N LEU A 369 7.21 -13.76 -12.62
CA LEU A 369 8.60 -13.73 -12.21
C LEU A 369 8.98 -12.37 -11.65
N ILE A 370 8.55 -11.29 -12.31
CA ILE A 370 8.85 -9.95 -11.82
C ILE A 370 8.22 -9.72 -10.45
N GLN A 371 6.97 -10.16 -10.29
CA GLN A 371 6.30 -10.04 -8.99
C GLN A 371 7.09 -10.78 -7.92
N VAL A 372 7.62 -11.95 -8.24
CA VAL A 372 8.46 -12.69 -7.31
C VAL A 372 9.74 -11.91 -7.00
N ILE A 373 10.40 -11.41 -8.04
CA ILE A 373 11.66 -10.68 -7.84
C ILE A 373 11.41 -9.38 -7.09
N PHE A 374 10.29 -8.71 -7.38
CA PHE A 374 9.95 -7.49 -6.65
C PHE A 374 9.77 -7.76 -5.17
N GLY A 375 9.12 -8.86 -4.81
CA GLY A 375 9.00 -9.21 -3.41
C GLY A 375 10.33 -9.57 -2.77
N ALA A 376 11.23 -10.19 -3.53
CA ALA A 376 12.51 -10.62 -2.98
C ALA A 376 13.42 -9.45 -2.67
N VAL A 377 13.39 -8.40 -3.50
CA VAL A 377 14.30 -7.27 -3.31
C VAL A 377 14.00 -6.45 -2.08
N ASP A 378 12.81 -6.62 -1.48
CA ASP A 378 12.49 -5.88 -0.26
C ASP A 378 13.40 -6.27 0.90
N LEU A 379 13.88 -7.51 0.94
CA LEU A 379 14.66 -7.95 2.08
C LEU A 379 16.07 -7.36 2.07
N PRO A 380 16.88 -7.47 1.01
CA PRO A 380 18.18 -6.79 1.02
C PRO A 380 18.06 -5.27 1.09
N ALA A 381 16.96 -4.71 0.57
CA ALA A 381 16.78 -3.27 0.61
C ALA A 381 16.67 -2.76 2.04
N LYS A 382 15.90 -3.48 2.88
CA LYS A 382 15.82 -3.09 4.29
C LYS A 382 17.15 -3.26 4.99
N PHE A 383 17.88 -4.34 4.70
CA PHE A 383 19.19 -4.55 5.30
C PHE A 383 20.17 -3.45 4.89
N VAL A 384 20.18 -3.08 3.62
CA VAL A 384 21.07 -2.02 3.15
C VAL A 384 20.66 -0.68 3.75
N CYS A 385 19.35 -0.41 3.79
CA CYS A 385 18.87 0.81 4.41
C CYS A 385 19.23 0.86 5.88
N PHE A 386 19.11 -0.27 6.58
CA PHE A 386 19.51 -0.35 7.97
C PHE A 386 20.99 -0.03 8.15
N LEU A 387 21.83 -0.56 7.26
CA LEU A 387 23.27 -0.32 7.35
C LEU A 387 23.59 1.16 7.15
N VAL A 388 22.98 1.79 6.13
CA VAL A 388 23.31 3.17 5.81
C VAL A 388 22.77 4.12 6.87
N ILE A 389 21.55 3.86 7.37
CA ILE A 389 20.90 4.79 8.28
C ILE A 389 21.72 4.95 9.56
N ASN A 390 22.22 3.84 10.11
CA ASN A 390 22.97 3.90 11.36
C ASN A 390 24.41 4.35 11.17
N SER A 391 24.94 4.30 9.94
CA SER A 391 26.32 4.67 9.68
C SER A 391 26.45 6.12 9.22
N MET A 392 25.80 6.46 8.10
CA MET A 392 25.89 7.81 7.56
C MET A 392 24.83 8.74 8.13
N GLY A 393 23.60 8.25 8.31
CA GLY A 393 22.52 9.04 8.86
C GLY A 393 21.26 8.95 8.02
N ARG A 394 20.17 9.42 8.62
CA ARG A 394 18.87 9.35 7.97
C ARG A 394 18.83 10.19 6.70
N ARG A 395 19.39 11.40 6.76
CA ARG A 395 19.31 12.29 5.60
C ARG A 395 20.04 11.74 4.37
N PRO A 396 21.31 11.31 4.44
CA PRO A 396 21.90 10.69 3.26
C PRO A 396 21.20 9.42 2.81
N ALA A 397 20.67 8.64 3.75
CA ALA A 397 19.93 7.43 3.38
C ALA A 397 18.67 7.77 2.60
N GLN A 398 17.90 8.76 3.09
CA GLN A 398 16.71 9.21 2.39
C GLN A 398 17.08 9.84 1.05
N MET A 399 18.13 10.67 1.02
CA MET A 399 18.55 11.30 -0.21
C MET A 399 18.97 10.28 -1.25
N ALA A 400 19.87 9.37 -0.89
CA ALA A 400 20.40 8.41 -1.86
C ALA A 400 19.32 7.47 -2.36
N SER A 401 18.46 6.98 -1.48
CA SER A 401 17.43 6.02 -1.88
C SER A 401 16.46 6.65 -2.87
N LEU A 402 16.04 7.89 -2.62
CA LEU A 402 15.16 8.58 -3.55
C LEU A 402 15.87 8.92 -4.85
N LEU A 403 17.11 9.43 -4.76
CA LEU A 403 17.85 9.83 -5.95
C LEU A 403 18.11 8.65 -6.87
N LEU A 404 18.58 7.54 -6.29
CA LEU A 404 18.89 6.37 -7.11
C LEU A 404 17.61 5.77 -7.72
N ALA A 405 16.52 5.74 -6.94
CA ALA A 405 15.25 5.29 -7.49
C ALA A 405 14.82 6.13 -8.67
N GLY A 406 14.91 7.46 -8.53
CA GLY A 406 14.56 8.34 -9.63
C GLY A 406 15.41 8.11 -10.85
N ILE A 407 16.73 8.00 -10.66
CA ILE A 407 17.63 7.76 -11.79
C ILE A 407 17.31 6.43 -12.46
N CYS A 408 17.07 5.39 -11.67
CA CYS A 408 16.73 4.08 -12.25
C CYS A 408 15.49 4.16 -13.12
N ILE A 409 14.44 4.81 -12.62
CA ILE A 409 13.21 4.92 -13.39
C ILE A 409 13.43 5.79 -14.63
N LEU A 410 14.17 6.90 -14.48
CA LEU A 410 14.42 7.78 -15.62
C LEU A 410 15.19 7.06 -16.72
N VAL A 411 16.23 6.32 -16.35
CA VAL A 411 17.00 5.57 -17.35
C VAL A 411 16.13 4.50 -18.00
N ASN A 412 15.21 3.91 -17.24
CA ASN A 412 14.34 2.88 -17.79
C ASN A 412 13.48 3.43 -18.93
N GLY A 413 13.08 4.70 -18.83
CA GLY A 413 12.33 5.33 -19.90
C GLY A 413 13.12 5.60 -21.15
N ILE A 414 14.45 5.64 -21.05
CA ILE A 414 15.30 5.93 -22.20
C ILE A 414 15.71 4.65 -22.93
N ILE A 415 16.06 3.61 -22.18
CA ILE A 415 16.51 2.35 -22.79
C ILE A 415 15.37 1.75 -23.61
N PRO A 416 15.63 1.27 -24.82
CA PRO A 416 14.55 0.67 -25.62
C PRO A 416 14.01 -0.59 -24.96
N LYS A 417 12.72 -0.85 -25.21
CA LYS A 417 12.03 -1.95 -24.55
C LYS A 417 12.60 -3.30 -24.92
N SER A 418 13.36 -3.40 -26.01
CA SER A 418 13.93 -4.68 -26.41
C SER A 418 14.95 -5.19 -25.39
N HIS A 419 15.59 -4.29 -24.65
CA HIS A 419 16.57 -4.67 -23.63
C HIS A 419 15.81 -5.01 -22.35
N THR A 420 15.30 -6.23 -22.30
CA THR A 420 14.42 -6.63 -21.20
C THR A 420 15.20 -6.86 -19.91
N ILE A 421 16.36 -7.51 -19.99
CA ILE A 421 17.12 -7.83 -18.79
C ILE A 421 17.62 -6.58 -18.10
N ILE A 422 18.19 -5.65 -18.88
CA ILE A 422 18.69 -4.40 -18.30
C ILE A 422 17.54 -3.59 -17.72
N ARG A 423 16.43 -3.49 -18.44
CA ARG A 423 15.30 -2.70 -17.96
C ARG A 423 14.68 -3.33 -16.71
N THR A 424 14.58 -4.66 -16.68
CA THR A 424 14.02 -5.33 -15.51
C THR A 424 14.92 -5.16 -14.29
N SER A 425 16.24 -5.32 -14.48
CA SER A 425 17.17 -5.14 -13.37
C SER A 425 17.11 -3.73 -12.81
N LEU A 426 17.02 -2.73 -13.68
CA LEU A 426 16.89 -1.35 -13.22
C LEU A 426 15.60 -1.15 -12.45
N ALA A 427 14.50 -1.77 -12.91
CA ALA A 427 13.23 -1.67 -12.20
C ALA A 427 13.32 -2.33 -10.83
N VAL A 428 14.01 -3.47 -10.73
CA VAL A 428 14.19 -4.12 -9.43
C VAL A 428 14.99 -3.23 -8.50
N LEU A 429 16.09 -2.65 -8.98
CA LEU A 429 16.87 -1.72 -8.18
C LEU A 429 16.03 -0.52 -7.77
N GLY A 430 15.25 0.04 -8.70
CA GLY A 430 14.39 1.16 -8.37
C GLY A 430 13.33 0.80 -7.34
N LYS A 431 12.77 -0.40 -7.47
CA LYS A 431 11.79 -0.86 -6.48
C LYS A 431 12.43 -1.08 -5.11
N GLY A 432 13.63 -1.67 -5.10
CA GLY A 432 14.34 -1.82 -3.83
C GLY A 432 14.67 -0.49 -3.19
N CYS A 433 15.08 0.49 -4.00
CA CYS A 433 15.41 1.81 -3.47
C CYS A 433 14.17 2.50 -2.89
N LEU A 434 13.03 2.39 -3.56
CA LEU A 434 11.82 3.00 -3.04
C LEU A 434 11.34 2.30 -1.78
N ALA A 435 11.57 1.00 -1.66
CA ALA A 435 11.28 0.30 -0.41
C ALA A 435 12.17 0.80 0.72
N SER A 436 13.45 1.06 0.42
CA SER A 436 14.33 1.68 1.41
C SER A 436 13.86 3.09 1.76
N SER A 437 13.35 3.83 0.76
CA SER A 437 12.81 5.16 1.03
C SER A 437 11.63 5.09 1.98
N PHE A 438 10.73 4.12 1.77
CA PHE A 438 9.62 3.93 2.69
C PHE A 438 10.11 3.63 4.10
N ASN A 439 11.13 2.76 4.21
CA ASN A 439 11.64 2.39 5.52
C ASN A 439 12.26 3.58 6.24
N CYS A 440 13.01 4.41 5.51
CA CYS A 440 13.69 5.53 6.14
C CYS A 440 12.72 6.65 6.51
N ILE A 441 11.75 6.96 5.63
CA ILE A 441 10.90 8.12 5.86
C ILE A 441 10.02 7.92 7.09
N PHE A 442 9.58 6.70 7.36
CA PHE A 442 8.78 6.45 8.56
C PHE A 442 9.59 6.70 9.82
N LEU A 443 10.80 6.18 9.86
CA LEU A 443 11.68 6.41 11.01
C LEU A 443 12.14 7.87 11.06
N TYR A 444 12.46 8.44 9.90
CA TYR A 444 12.90 9.84 9.86
C TYR A 444 11.82 10.79 10.32
N THR A 445 10.57 10.55 9.90
CA THR A 445 9.47 11.45 10.24
C THR A 445 9.25 11.52 11.74
N GLY A 446 9.30 10.38 12.42
CA GLY A 446 9.09 10.36 13.87
C GLY A 446 10.16 11.12 14.62
N GLU A 447 11.42 10.95 14.24
CA GLU A 447 12.50 11.67 14.92
C GLU A 447 12.52 13.15 14.57
N LEU A 448 11.83 13.57 13.52
CA LEU A 448 11.83 14.97 13.11
C LEU A 448 10.79 15.78 13.84
N TYR A 449 9.61 15.21 14.09
CA TYR A 449 8.53 15.93 14.76
C TYR A 449 8.70 15.86 16.28
N PRO A 450 8.30 16.91 16.98
CA PRO A 450 8.27 16.85 18.44
C PRO A 450 7.21 15.89 18.95
N THR A 451 7.40 15.43 20.19
CA THR A 451 6.51 14.42 20.77
C THR A 451 5.06 14.88 20.84
N VAL A 452 4.81 16.20 20.89
CA VAL A 452 3.45 16.70 20.99
C VAL A 452 2.65 16.39 19.74
N ILE A 453 3.31 16.41 18.57
CA ILE A 453 2.64 16.28 17.28
C ILE A 453 3.19 15.12 16.46
N ARG A 454 3.97 14.24 17.07
CA ARG A 454 4.63 13.17 16.31
C ARG A 454 3.62 12.20 15.72
N GLN A 455 2.59 11.82 16.49
CA GLN A 455 1.58 10.90 15.97
C GLN A 455 0.76 11.55 14.87
N THR A 456 0.43 12.84 15.03
CA THR A 456 -0.26 13.56 13.98
C THR A 456 0.61 13.71 12.73
N GLY A 457 1.90 14.00 12.93
CA GLY A 457 2.79 14.15 11.79
C GLY A 457 3.01 12.87 11.02
N LEU A 458 3.15 11.75 11.74
CA LEU A 458 3.26 10.46 11.07
C LEU A 458 2.00 10.12 10.30
N GLY A 459 0.84 10.47 10.85
CA GLY A 459 -0.41 10.24 10.15
C GLY A 459 -0.55 11.09 8.90
N MET A 460 -0.08 12.34 8.96
CA MET A 460 -0.14 13.21 7.80
C MET A 460 0.81 12.75 6.71
N GLY A 461 1.97 12.21 7.10
CA GLY A 461 2.87 11.63 6.10
C GLY A 461 2.25 10.45 5.38
N SER A 462 1.63 9.54 6.14
CA SER A 462 0.95 8.40 5.53
C SER A 462 -0.19 8.85 4.63
N THR A 463 -0.87 9.95 4.99
CA THR A 463 -1.91 10.49 4.14
C THR A 463 -1.35 10.98 2.81
N MET A 464 -0.21 11.68 2.85
CA MET A 464 0.41 12.16 1.61
C MET A 464 0.80 10.99 0.72
N ALA A 465 1.31 9.91 1.31
CA ALA A 465 1.60 8.71 0.54
C ALA A 465 0.36 8.18 -0.14
N ARG A 466 -0.77 8.17 0.57
CA ARG A 466 -2.02 7.69 -0.02
C ARG A 466 -2.47 8.58 -1.17
N VAL A 467 -2.24 9.89 -1.07
CA VAL A 467 -2.51 10.78 -2.19
C VAL A 467 -1.64 10.40 -3.38
N GLY A 468 -0.36 10.11 -3.13
CA GLY A 468 0.53 9.73 -4.21
C GLY A 468 0.07 8.51 -4.97
N SER A 469 -0.50 7.54 -4.26
CA SER A 469 -1.01 6.34 -4.92
C SER A 469 -2.31 6.59 -5.67
N ILE A 470 -3.03 7.66 -5.34
CA ILE A 470 -4.17 8.08 -6.14
C ILE A 470 -3.71 8.75 -7.42
N VAL A 471 -2.73 9.64 -7.33
CA VAL A 471 -2.28 10.41 -8.49
C VAL A 471 -1.52 9.53 -9.48
N SER A 472 -0.79 8.53 -8.98
CA SER A 472 0.08 7.73 -9.85
C SER A 472 -0.66 7.08 -11.03
N PRO A 473 -1.79 6.40 -10.85
CA PRO A 473 -2.50 5.88 -12.04
C PRO A 473 -2.97 6.99 -12.98
N LEU A 474 -3.36 8.14 -12.45
CA LEU A 474 -3.76 9.25 -13.31
C LEU A 474 -2.62 9.69 -14.22
N VAL A 475 -1.41 9.77 -13.68
CA VAL A 475 -0.25 10.12 -14.49
C VAL A 475 0.01 9.03 -15.53
N SER A 476 -0.24 7.78 -15.17
CA SER A 476 -0.06 6.66 -16.10
C SER A 476 -0.98 6.77 -17.31
N MET A 477 -2.07 7.53 -17.22
CA MET A 477 -2.95 7.72 -18.37
C MET A 477 -2.29 8.49 -19.50
N THR A 478 -1.28 9.31 -19.20
CA THR A 478 -0.60 10.09 -20.22
C THR A 478 0.16 9.23 -21.23
N ALA A 479 0.38 7.94 -20.94
CA ALA A 479 0.99 7.05 -21.91
C ALA A 479 0.15 6.89 -23.17
N GLU A 480 -1.14 7.22 -23.09
CA GLU A 480 -2.00 7.18 -24.27
C GLU A 480 -1.54 8.17 -25.32
N PHE A 481 -1.02 9.32 -24.88
CA PHE A 481 -0.57 10.38 -25.78
C PHE A 481 0.95 10.38 -25.97
N TYR A 482 1.70 10.27 -24.88
CA TYR A 482 3.15 10.16 -24.93
C TYR A 482 3.58 8.88 -24.23
N PRO A 483 4.01 7.86 -24.96
CA PRO A 483 4.22 6.54 -24.34
C PRO A 483 5.21 6.53 -23.19
N SER A 484 6.21 7.40 -23.21
CA SER A 484 7.25 7.40 -22.19
C SER A 484 7.06 8.47 -21.13
N MET A 485 6.04 9.33 -21.26
CA MET A 485 5.84 10.40 -20.30
C MET A 485 5.64 9.92 -18.86
N PRO A 486 4.84 8.88 -18.58
CA PRO A 486 4.70 8.46 -17.17
C PRO A 486 6.02 8.09 -16.51
N LEU A 487 6.90 7.37 -17.21
CA LEU A 487 8.17 6.98 -16.62
C LEU A 487 9.03 8.21 -16.30
N PHE A 488 9.01 9.21 -17.19
CA PHE A 488 9.75 10.44 -16.91
C PHE A 488 9.20 11.16 -15.69
N ILE A 489 7.87 11.20 -15.55
CA ILE A 489 7.28 11.84 -14.38
C ILE A 489 7.55 11.02 -13.13
N PHE A 490 7.41 9.69 -13.21
CA PHE A 490 7.67 8.84 -12.06
C PHE A 490 9.13 8.91 -11.62
N GLY A 491 10.03 9.22 -12.54
CA GLY A 491 11.44 9.34 -12.20
C GLY A 491 11.84 10.73 -11.74
N ALA A 492 11.23 11.76 -12.33
CA ALA A 492 11.60 13.13 -12.00
C ALA A 492 11.17 13.52 -10.60
N VAL A 493 10.00 13.05 -10.16
CA VAL A 493 9.48 13.48 -8.86
C VAL A 493 10.39 13.06 -7.70
N PRO A 494 10.82 11.80 -7.57
CA PRO A 494 11.75 11.46 -6.49
C PRO A 494 13.08 12.19 -6.58
N VAL A 495 13.58 12.44 -7.80
CA VAL A 495 14.82 13.18 -7.95
C VAL A 495 14.68 14.58 -7.36
N VAL A 496 13.57 15.25 -7.66
CA VAL A 496 13.29 16.54 -7.03
C VAL A 496 13.13 16.38 -5.53
N ALA A 497 12.41 15.34 -5.10
CA ALA A 497 12.24 15.09 -3.67
C ALA A 497 13.57 14.81 -2.99
N SER A 498 14.52 14.19 -3.70
CA SER A 498 15.84 13.96 -3.13
C SER A 498 16.52 15.28 -2.75
N ALA A 499 16.23 16.35 -3.49
CA ALA A 499 16.77 17.66 -3.15
C ALA A 499 16.05 18.27 -1.95
N VAL A 500 14.78 17.90 -1.73
CA VAL A 500 14.04 18.39 -0.58
C VAL A 500 14.68 17.90 0.71
N THR A 501 15.17 16.65 0.72
CA THR A 501 15.81 16.09 1.90
C THR A 501 16.97 16.93 2.38
N ALA A 502 17.64 17.64 1.47
CA ALA A 502 18.76 18.50 1.86
C ALA A 502 18.34 19.61 2.82
N LEU A 503 17.07 20.00 2.81
CA LEU A 503 16.59 21.04 3.72
C LEU A 503 16.27 20.51 5.12
N LEU A 504 16.23 19.18 5.31
CA LEU A 504 15.91 18.59 6.59
C LEU A 504 17.14 18.47 7.47
N PRO A 505 16.99 18.54 8.79
CA PRO A 505 18.12 18.30 9.68
C PRO A 505 18.41 16.82 9.84
N GLU A 506 19.64 16.53 10.26
CA GLU A 506 20.05 15.16 10.53
C GLU A 506 19.67 14.78 11.95
N THR A 507 19.10 13.58 12.11
CA THR A 507 18.61 13.12 13.40
C THR A 507 19.43 11.98 13.98
N LEU A 508 20.42 11.47 13.26
CA LEU A 508 21.26 10.40 13.79
C LEU A 508 22.11 10.93 14.95
N GLY A 509 22.03 10.26 16.09
CA GLY A 509 22.76 10.69 17.26
C GLY A 509 22.13 11.84 18.01
N GLN A 510 20.83 12.07 17.82
CA GLN A 510 20.15 13.18 18.47
C GLN A 510 19.05 12.67 19.40
N PRO A 511 18.83 13.34 20.52
CA PRO A 511 17.67 13.00 21.36
C PRO A 511 16.38 13.42 20.68
N LEU A 512 15.31 12.70 20.99
CA LEU A 512 14.01 13.01 20.40
C LEU A 512 13.49 14.33 20.93
N PRO A 513 13.12 15.27 20.08
CA PRO A 513 12.53 16.52 20.57
C PRO A 513 11.16 16.28 21.19
N ASP A 514 10.84 17.09 22.19
CA ASP A 514 9.57 16.98 22.91
C ASP A 514 8.57 18.07 22.55
N THR A 515 9.03 19.30 22.35
CA THR A 515 8.17 20.42 22.02
C THR A 515 8.73 21.15 20.82
N VAL A 516 7.96 22.11 20.31
CA VAL A 516 8.44 22.95 19.22
C VAL A 516 9.62 23.80 19.67
N GLN A 517 9.71 24.08 20.98
CA GLN A 517 10.87 24.79 21.49
C GLN A 517 12.15 23.99 21.29
N ASP A 518 12.08 22.67 21.48
CA ASP A 518 13.24 21.81 21.21
C ASP A 518 13.65 21.87 19.74
N LEU A 519 12.68 22.01 18.84
CA LEU A 519 12.99 22.13 17.42
C LEU A 519 13.82 23.37 17.13
N LYS A 520 13.44 24.51 17.74
CA LYS A 520 14.17 25.75 17.51
C LYS A 520 15.55 25.70 18.17
N SER A 521 15.64 25.11 19.37
CA SER A 521 16.94 24.98 20.02
C SER A 521 17.88 24.09 19.20
N ARG A 522 17.35 23.02 18.63
CA ARG A 522 18.17 22.15 17.78
C ARG A 522 18.72 22.90 16.58
N SER A 523 17.88 23.72 15.93
CA SER A 523 18.34 24.50 14.79
C SER A 523 19.38 25.53 15.20
N ARG A 524 19.17 26.19 16.33
CA ARG A 524 20.12 27.20 16.81
C ARG A 524 21.41 26.57 17.29
#